data_2D42
#
_entry.id   2D42
#
_cell.length_a   95.380
_cell.length_b   95.380
_cell.length_c   130.727
_cell.angle_alpha   90.00
_cell.angle_beta   90.00
_cell.angle_gamma   120.00
#
_symmetry.space_group_name_H-M   'P 31 1 2'
#
loop_
_entity.id
_entity.type
_entity.pdbx_description
1 polymer 'non-toxic crystal protein'
2 water water
#
_entity_poly.entity_id   1
_entity_poly.type   'polypeptide(L)'
_entity_poly.pdbx_seq_one_letter_code
;AIINLLRELEIYGMQYANSHQYTYGSSYSDDTNPIRIAGLDARIPDPIVTDPVNHIVLDRRIITNTTSNSLEGVFSFSNA
YTSRTSSQTRDGVTAGTNITGKYFANLFFEQVGLSGRIAFEGAVTNENKYTLDATQDFRDSQTIRVPPFHRATGVYTLEQ
GAFEKMTVLECVVSGNGIIRYYRTLPDNSYTEIVQRVNIIDVLQANGTPGFTISKEQNRAYFTGEGTISGQIGLQTFIDV
VIEPLPGHA
;
_entity_poly.pdbx_strand_id   A,B
#
# COMPACT_ATOMS: atom_id res chain seq x y z
N ALA A 1 -3.09 -17.30 19.36
CA ALA A 1 -3.50 -15.92 19.74
C ALA A 1 -2.27 -15.08 20.11
N ILE A 2 -2.50 -13.83 20.50
CA ILE A 2 -1.41 -12.93 20.86
C ILE A 2 -1.38 -12.68 22.37
N ILE A 3 -0.27 -13.01 23.02
CA ILE A 3 -0.16 -12.77 24.45
C ILE A 3 0.00 -11.27 24.66
N ASN A 4 -0.92 -10.65 25.40
CA ASN A 4 -0.81 -9.22 25.65
C ASN A 4 -0.06 -9.03 26.96
N LEU A 5 1.16 -8.53 26.88
CA LEU A 5 1.99 -8.34 28.06
C LEU A 5 1.42 -7.41 29.13
N LEU A 6 0.70 -6.38 28.70
CA LEU A 6 0.09 -5.44 29.65
C LEU A 6 -1.04 -6.14 30.41
N ARG A 7 -1.75 -7.03 29.70
CA ARG A 7 -2.83 -7.80 30.29
C ARG A 7 -2.26 -8.73 31.36
N GLU A 8 -1.12 -9.35 31.06
CA GLU A 8 -0.45 -10.24 32.00
C GLU A 8 -0.05 -9.45 33.24
N LEU A 9 0.41 -8.21 33.03
CA LEU A 9 0.83 -7.33 34.14
C LEU A 9 -0.38 -7.07 35.04
N GLU A 10 -1.51 -6.76 34.41
CA GLU A 10 -2.75 -6.51 35.13
C GLU A 10 -3.15 -7.75 35.94
N ILE A 11 -3.08 -8.93 35.30
CA ILE A 11 -3.44 -10.18 35.97
C ILE A 11 -2.53 -10.40 37.18
N TYR A 12 -1.24 -10.17 36.99
CA TYR A 12 -0.29 -10.34 38.08
C TYR A 12 -0.61 -9.39 39.23
N GLY A 13 -0.90 -8.13 38.89
CA GLY A 13 -1.21 -7.13 39.91
C GLY A 13 -2.50 -7.42 40.67
N MET A 14 -3.51 -7.92 39.96
CA MET A 14 -4.77 -8.23 40.60
C MET A 14 -4.63 -9.37 41.60
N GLN A 15 -3.83 -10.38 41.26
CA GLN A 15 -3.63 -11.52 42.16
C GLN A 15 -2.74 -11.10 43.32
N TYR A 16 -1.74 -10.27 43.04
CA TYR A 16 -0.83 -9.80 44.07
C TYR A 16 -1.60 -8.99 45.10
N ALA A 17 -2.53 -8.17 44.62
CA ALA A 17 -3.36 -7.33 45.48
C ALA A 17 -4.20 -8.16 46.44
N ASN A 18 -4.94 -9.11 45.90
CA ASN A 18 -5.77 -9.99 46.72
C ASN A 18 -4.88 -10.71 47.72
N SER A 19 -3.71 -11.13 47.25
CA SER A 19 -2.75 -11.85 48.06
C SER A 19 -2.15 -11.05 49.21
N HIS A 20 -2.00 -9.74 49.02
CA HIS A 20 -1.41 -8.86 50.03
C HIS A 20 -2.45 -7.95 50.71
N GLN A 21 -3.72 -8.25 50.49
CA GLN A 21 -4.82 -7.48 51.08
C GLN A 21 -4.86 -6.02 50.62
N TYR A 22 -4.40 -5.76 49.41
CA TYR A 22 -4.41 -4.41 48.85
C TYR A 22 -5.53 -4.30 47.84
N THR A 23 -5.78 -3.08 47.38
CA THR A 23 -6.76 -2.86 46.34
C THR A 23 -5.94 -2.52 45.09
N TYR A 24 -6.15 -3.27 44.02
CA TYR A 24 -5.43 -3.04 42.77
C TYR A 24 -5.90 -1.72 42.20
N GLY A 25 -4.96 -0.81 41.98
CA GLY A 25 -5.33 0.48 41.43
C GLY A 25 -5.17 0.49 39.92
N SER A 26 -3.94 0.32 39.46
CA SER A 26 -3.65 0.32 38.03
C SER A 26 -2.24 -0.21 37.80
N SER A 27 -1.87 -0.36 36.52
CA SER A 27 -0.55 -0.83 36.16
C SER A 27 -0.25 -0.38 34.73
N TYR A 28 1.04 -0.21 34.44
CA TYR A 28 1.47 0.24 33.12
C TYR A 28 2.96 -0.03 32.95
N SER A 29 3.46 0.14 31.73
CA SER A 29 4.87 -0.08 31.45
C SER A 29 5.71 1.04 32.04
N ASP A 30 6.91 0.69 32.51
CA ASP A 30 7.84 1.65 33.12
C ASP A 30 8.62 2.41 32.05
N ASP A 31 8.34 3.71 31.93
CA ASP A 31 9.02 4.53 30.93
C ASP A 31 10.53 4.52 30.94
N THR A 32 11.17 4.29 32.08
CA THR A 32 12.62 4.29 32.10
C THR A 32 13.24 2.93 31.74
N ASN A 33 12.42 1.91 31.60
CA ASN A 33 12.86 0.57 31.22
C ASN A 33 11.56 -0.13 30.87
N PRO A 34 10.94 0.28 29.75
CA PRO A 34 9.69 -0.29 29.30
C PRO A 34 9.65 -1.77 28.97
N ILE A 35 8.46 -2.34 29.10
CA ILE A 35 8.24 -3.74 28.76
C ILE A 35 8.55 -3.72 27.27
N ARG A 36 9.45 -4.57 26.81
CA ARG A 36 9.76 -4.53 25.39
C ARG A 36 9.95 -5.88 24.75
N ILE A 37 9.89 -5.85 23.42
CA ILE A 37 10.06 -7.02 22.58
C ILE A 37 11.27 -6.69 21.73
N ALA A 38 12.25 -7.60 21.73
CA ALA A 38 13.48 -7.40 20.97
C ALA A 38 14.00 -8.69 20.35
N GLY A 39 14.96 -8.55 19.44
CA GLY A 39 15.56 -9.71 18.82
C GLY A 39 14.57 -10.55 18.04
N LEU A 40 13.68 -9.89 17.32
CA LEU A 40 12.67 -10.60 16.52
C LEU A 40 13.32 -11.58 15.54
N ASP A 41 12.86 -12.83 15.56
CA ASP A 41 13.40 -13.83 14.65
C ASP A 41 12.30 -14.76 14.16
N ALA A 42 12.43 -15.21 12.91
CA ALA A 42 11.45 -16.10 12.32
C ALA A 42 12.19 -17.14 11.48
N ARG A 43 12.16 -18.38 11.93
CA ARG A 43 12.83 -19.43 11.20
C ARG A 43 11.83 -20.46 10.67
N ILE A 44 12.28 -21.22 9.67
CA ILE A 44 11.46 -22.23 9.01
C ILE A 44 12.05 -23.59 9.32
N PRO A 45 11.44 -24.34 10.24
CA PRO A 45 11.98 -25.66 10.58
C PRO A 45 12.11 -26.66 9.43
N ASP A 46 11.28 -26.54 8.39
CA ASP A 46 11.37 -27.44 7.23
C ASP A 46 11.63 -26.59 5.99
N PRO A 47 12.91 -26.30 5.70
CA PRO A 47 13.31 -25.49 4.55
C PRO A 47 13.33 -26.20 3.21
N ILE A 48 12.93 -27.47 3.19
CA ILE A 48 12.92 -28.22 1.95
C ILE A 48 11.55 -28.06 1.28
N VAL A 49 11.51 -27.26 0.22
CA VAL A 49 10.25 -27.03 -0.49
C VAL A 49 10.02 -28.12 -1.54
N THR A 50 8.85 -28.73 -1.52
CA THR A 50 8.55 -29.79 -2.48
C THR A 50 7.59 -29.36 -3.59
N ASP A 51 7.12 -28.12 -3.50
CA ASP A 51 6.18 -27.57 -4.49
C ASP A 51 6.78 -27.54 -5.88
N PRO A 52 5.93 -27.69 -6.92
CA PRO A 52 6.39 -27.66 -8.31
C PRO A 52 6.75 -26.22 -8.68
N VAL A 53 7.57 -26.04 -9.71
CA VAL A 53 7.94 -24.71 -10.15
C VAL A 53 7.17 -24.42 -11.43
N ASN A 54 7.03 -23.14 -11.76
CA ASN A 54 6.36 -22.74 -12.99
C ASN A 54 7.43 -22.12 -13.88
N HIS A 55 7.33 -22.38 -15.18
CA HIS A 55 8.28 -21.84 -16.15
C HIS A 55 7.59 -20.66 -16.82
N ILE A 56 8.04 -19.47 -16.47
CA ILE A 56 7.49 -18.22 -16.98
C ILE A 56 8.31 -17.62 -18.13
N VAL A 57 7.65 -17.37 -19.25
CA VAL A 57 8.33 -16.77 -20.40
C VAL A 57 8.39 -15.27 -20.14
N LEU A 58 9.58 -14.78 -19.80
CA LEU A 58 9.79 -13.36 -19.50
C LEU A 58 9.88 -12.52 -20.77
N ASP A 59 10.44 -13.10 -21.83
CA ASP A 59 10.61 -12.35 -23.07
C ASP A 59 10.89 -13.31 -24.22
N ARG A 60 10.76 -12.81 -25.44
CA ARG A 60 11.01 -13.58 -26.65
C ARG A 60 11.42 -12.58 -27.71
N ARG A 61 12.58 -12.79 -28.34
CA ARG A 61 13.05 -11.89 -29.39
C ARG A 61 13.53 -12.68 -30.58
N ILE A 62 13.61 -12.00 -31.72
CA ILE A 62 14.01 -12.65 -32.95
C ILE A 62 15.11 -11.94 -33.70
N ILE A 63 16.09 -12.72 -34.18
CA ILE A 63 17.15 -12.17 -34.99
C ILE A 63 17.06 -12.94 -36.30
N THR A 64 16.72 -12.25 -37.37
CA THR A 64 16.58 -12.90 -38.66
C THR A 64 17.73 -12.60 -39.61
N ASN A 65 18.29 -13.65 -40.20
CA ASN A 65 19.38 -13.46 -41.16
C ASN A 65 18.86 -13.74 -42.56
N THR A 66 18.60 -12.67 -43.31
CA THR A 66 18.11 -12.83 -44.67
C THR A 66 19.25 -12.79 -45.68
N THR A 67 20.47 -13.01 -45.22
CA THR A 67 21.63 -12.98 -46.10
C THR A 67 22.14 -14.36 -46.46
N SER A 68 23.14 -14.38 -47.33
CA SER A 68 23.76 -15.62 -47.79
C SER A 68 24.94 -15.92 -46.91
N ASN A 69 25.21 -15.03 -45.96
CA ASN A 69 26.33 -15.22 -45.07
C ASN A 69 25.92 -15.37 -43.61
N SER A 70 26.64 -16.23 -42.89
CA SER A 70 26.39 -16.48 -41.48
C SER A 70 26.74 -15.22 -40.69
N LEU A 71 26.04 -15.00 -39.58
CA LEU A 71 26.30 -13.83 -38.75
C LEU A 71 26.14 -14.16 -37.27
N GLU A 72 26.85 -13.44 -36.43
CA GLU A 72 26.76 -13.65 -34.99
C GLU A 72 25.63 -12.78 -34.44
N GLY A 73 24.81 -13.37 -33.58
CA GLY A 73 23.72 -12.63 -32.98
C GLY A 73 23.87 -12.70 -31.47
N VAL A 74 23.34 -11.71 -30.78
CA VAL A 74 23.41 -11.70 -29.32
C VAL A 74 22.10 -11.19 -28.77
N PHE A 75 21.51 -11.99 -27.89
CA PHE A 75 20.25 -11.62 -27.23
C PHE A 75 20.64 -11.11 -25.84
N SER A 76 20.33 -9.86 -25.55
CA SER A 76 20.62 -9.31 -24.24
C SER A 76 19.28 -9.02 -23.56
N PHE A 77 19.01 -9.78 -22.49
CA PHE A 77 17.77 -9.65 -21.75
C PHE A 77 17.92 -9.01 -20.38
N SER A 78 16.91 -8.24 -19.99
CA SER A 78 16.87 -7.57 -18.70
C SER A 78 15.39 -7.49 -18.33
N ASN A 79 15.00 -8.22 -17.30
CA ASN A 79 13.61 -8.19 -16.89
C ASN A 79 13.50 -8.16 -15.37
N ALA A 80 12.79 -7.16 -14.86
CA ALA A 80 12.61 -7.00 -13.43
C ALA A 80 11.30 -7.67 -13.02
N TYR A 81 11.41 -8.88 -12.46
CA TYR A 81 10.24 -9.64 -12.03
C TYR A 81 9.95 -9.46 -10.55
N THR A 82 8.68 -9.29 -10.23
CA THR A 82 8.25 -9.10 -8.85
C THR A 82 7.54 -10.32 -8.30
N SER A 83 8.08 -10.87 -7.21
CA SER A 83 7.48 -12.02 -6.57
C SER A 83 7.04 -11.59 -5.17
N ARG A 84 5.92 -12.14 -4.71
CA ARG A 84 5.38 -11.79 -3.40
C ARG A 84 5.47 -12.89 -2.37
N THR A 85 5.62 -12.48 -1.12
CA THR A 85 5.65 -13.42 0.00
C THR A 85 4.73 -12.83 1.06
N SER A 86 3.98 -13.69 1.72
CA SER A 86 3.07 -13.23 2.76
C SER A 86 3.26 -14.03 4.04
N SER A 87 3.16 -13.37 5.19
CA SER A 87 3.31 -14.06 6.48
C SER A 87 2.13 -13.73 7.37
N GLN A 88 1.90 -14.56 8.39
CA GLN A 88 0.81 -14.32 9.32
C GLN A 88 1.04 -15.05 10.62
N THR A 89 1.06 -14.29 11.71
CA THR A 89 1.27 -14.89 13.03
C THR A 89 0.05 -15.61 13.55
N ARG A 90 0.28 -16.75 14.20
CA ARG A 90 -0.78 -17.54 14.81
C ARG A 90 -0.65 -17.33 16.32
N ASP A 91 0.53 -17.65 16.85
CA ASP A 91 0.78 -17.45 18.27
C ASP A 91 1.89 -16.43 18.45
N GLY A 92 1.51 -15.25 18.93
CA GLY A 92 2.49 -14.19 19.12
C GLY A 92 2.42 -13.51 20.48
N VAL A 93 3.04 -12.34 20.55
CA VAL A 93 3.08 -11.57 21.79
C VAL A 93 3.21 -10.09 21.46
N THR A 94 2.77 -9.23 22.36
CA THR A 94 2.85 -7.79 22.15
C THR A 94 2.89 -7.01 23.46
N ALA A 95 3.54 -5.86 23.42
CA ALA A 95 3.66 -4.99 24.57
C ALA A 95 2.74 -3.80 24.33
N GLY A 96 1.84 -3.93 23.35
CA GLY A 96 0.92 -2.86 23.05
C GLY A 96 1.24 -2.07 21.79
N THR A 97 2.38 -2.35 21.17
CA THR A 97 2.78 -1.66 19.93
C THR A 97 3.11 -2.66 18.83
N ASN A 98 2.58 -2.43 17.63
CA ASN A 98 2.88 -3.35 16.55
C ASN A 98 4.29 -3.13 16.04
N ILE A 99 4.99 -4.24 15.79
CA ILE A 99 6.37 -4.17 15.30
C ILE A 99 6.50 -5.05 14.05
N THR A 100 6.92 -4.44 12.96
CA THR A 100 7.12 -5.20 11.73
C THR A 100 8.58 -5.61 11.61
N GLY A 101 8.82 -6.91 11.49
CA GLY A 101 10.19 -7.39 11.35
C GLY A 101 10.51 -7.84 9.93
N LYS A 102 11.80 -7.81 9.57
CA LYS A 102 12.25 -8.24 8.25
C LYS A 102 12.95 -9.57 8.47
N TYR A 103 12.62 -10.59 7.67
CA TYR A 103 13.23 -11.92 7.85
C TYR A 103 13.74 -12.54 6.54
N PHE A 104 14.51 -13.61 6.66
CA PHE A 104 15.08 -14.31 5.51
C PHE A 104 15.13 -15.81 5.77
N ALA A 105 15.26 -16.59 4.69
CA ALA A 105 15.34 -18.04 4.81
C ALA A 105 15.92 -18.60 3.51
N ASN A 106 16.88 -19.52 3.66
CA ASN A 106 17.51 -20.15 2.53
C ASN A 106 16.75 -21.45 2.25
N LEU A 107 15.75 -21.36 1.40
CA LEU A 107 14.95 -22.54 1.07
C LEU A 107 15.58 -23.37 -0.03
N PHE A 108 15.29 -24.66 -0.04
CA PHE A 108 15.80 -25.55 -1.07
C PHE A 108 14.60 -26.06 -1.85
N PHE A 109 14.61 -25.84 -3.16
CA PHE A 109 13.51 -26.27 -3.98
C PHE A 109 13.85 -27.61 -4.61
N GLU A 110 13.51 -28.64 -3.84
CA GLU A 110 13.77 -30.03 -4.19
C GLU A 110 13.44 -30.46 -5.61
N GLN A 111 12.34 -29.96 -6.18
CA GLN A 111 11.96 -30.34 -7.53
C GLN A 111 12.91 -29.88 -8.62
N VAL A 112 13.74 -28.89 -8.34
CA VAL A 112 14.68 -28.42 -9.34
C VAL A 112 16.12 -28.46 -8.80
N GLY A 113 16.26 -28.89 -7.56
CA GLY A 113 17.58 -28.98 -6.95
C GLY A 113 18.30 -27.65 -6.84
N LEU A 114 17.57 -26.59 -6.51
CA LEU A 114 18.17 -25.28 -6.40
C LEU A 114 17.73 -24.55 -5.14
N SER A 115 18.67 -23.87 -4.47
CA SER A 115 18.30 -23.12 -3.29
C SER A 115 17.87 -21.74 -3.73
N GLY A 116 17.02 -21.13 -2.91
CA GLY A 116 16.53 -19.78 -3.16
C GLY A 116 16.39 -19.07 -1.80
N ARG A 117 16.98 -17.90 -1.67
CA ARG A 117 16.88 -17.17 -0.40
C ARG A 117 15.67 -16.25 -0.49
N ILE A 118 14.68 -16.46 0.37
CA ILE A 118 13.49 -15.60 0.34
C ILE A 118 13.60 -14.54 1.43
N ALA A 119 12.80 -13.50 1.28
CA ALA A 119 12.75 -12.41 2.25
C ALA A 119 11.26 -12.17 2.50
N PHE A 120 10.93 -11.88 3.76
CA PHE A 120 9.56 -11.61 4.12
C PHE A 120 9.46 -10.70 5.34
N GLU A 121 8.28 -10.11 5.54
CA GLU A 121 8.06 -9.23 6.67
C GLU A 121 6.87 -9.79 7.46
N GLY A 122 6.83 -9.47 8.74
CA GLY A 122 5.75 -9.95 9.57
C GLY A 122 5.80 -9.31 10.95
N ALA A 123 4.70 -9.44 11.68
CA ALA A 123 4.61 -8.88 13.02
C ALA A 123 4.20 -9.99 13.97
N VAL A 124 4.97 -10.18 15.03
CA VAL A 124 4.65 -11.21 16.01
C VAL A 124 3.59 -10.64 16.94
N THR A 125 3.31 -9.35 16.76
CA THR A 125 2.36 -8.63 17.61
C THR A 125 0.89 -8.66 17.24
N ASN A 126 0.56 -9.25 16.10
CA ASN A 126 -0.83 -9.35 15.69
C ASN A 126 -1.02 -10.50 14.70
N GLU A 127 -2.27 -10.82 14.39
CA GLU A 127 -2.54 -11.91 13.47
C GLU A 127 -2.92 -11.46 12.07
N ASN A 128 -2.53 -10.24 11.71
CA ASN A 128 -2.85 -9.73 10.38
C ASN A 128 -1.88 -10.28 9.35
N LYS A 129 -2.28 -10.20 8.09
CA LYS A 129 -1.47 -10.68 6.98
C LYS A 129 -0.53 -9.56 6.54
N TYR A 130 0.74 -9.91 6.37
CA TYR A 130 1.76 -8.95 5.94
C TYR A 130 2.38 -9.41 4.62
N THR A 131 2.32 -8.55 3.62
CA THR A 131 2.90 -8.89 2.32
C THR A 131 4.12 -8.07 1.98
N LEU A 132 5.03 -8.66 1.22
CA LEU A 132 6.25 -7.99 0.80
C LEU A 132 6.56 -8.33 -0.65
N ASP A 133 6.61 -7.31 -1.50
CA ASP A 133 6.94 -7.50 -2.91
C ASP A 133 8.42 -7.25 -3.09
N ALA A 134 9.12 -8.25 -3.59
CA ALA A 134 10.54 -8.12 -3.83
C ALA A 134 10.77 -8.14 -5.33
N THR A 135 11.60 -7.23 -5.81
CA THR A 135 11.90 -7.15 -7.23
C THR A 135 13.26 -7.76 -7.53
N GLN A 136 13.27 -8.77 -8.39
CA GLN A 136 14.51 -9.42 -8.79
C GLN A 136 14.85 -8.90 -10.18
N ASP A 137 16.10 -8.49 -10.38
CA ASP A 137 16.52 -7.98 -11.69
C ASP A 137 17.27 -9.04 -12.47
N PHE A 138 16.56 -9.78 -13.30
CA PHE A 138 17.19 -10.83 -14.09
C PHE A 138 17.80 -10.28 -15.37
N ARG A 139 19.11 -10.48 -15.51
CA ARG A 139 19.85 -10.01 -16.67
C ARG A 139 20.64 -11.19 -17.21
N ASP A 140 20.47 -11.47 -18.50
CA ASP A 140 21.18 -12.57 -19.14
C ASP A 140 21.36 -12.27 -20.62
N SER A 141 22.35 -12.91 -21.23
CA SER A 141 22.60 -12.71 -22.64
C SER A 141 22.96 -14.05 -23.25
N GLN A 142 22.88 -14.14 -24.57
CA GLN A 142 23.20 -15.37 -25.26
C GLN A 142 23.66 -15.08 -26.68
N THR A 143 24.84 -15.59 -27.02
CA THR A 143 25.40 -15.40 -28.34
C THR A 143 25.00 -16.59 -29.18
N ILE A 144 24.73 -16.35 -30.45
CA ILE A 144 24.29 -17.41 -31.35
C ILE A 144 24.80 -17.16 -32.76
N ARG A 145 25.02 -18.24 -33.50
CA ARG A 145 25.46 -18.10 -34.87
C ARG A 145 24.24 -18.38 -35.73
N VAL A 146 23.80 -17.37 -36.46
CA VAL A 146 22.63 -17.55 -37.30
C VAL A 146 23.04 -17.84 -38.73
N PRO A 147 22.79 -19.08 -39.18
CA PRO A 147 23.13 -19.52 -40.53
C PRO A 147 22.38 -18.73 -41.60
N PRO A 148 22.94 -18.67 -42.81
CA PRO A 148 22.29 -17.94 -43.90
C PRO A 148 20.84 -18.35 -44.07
N PHE A 149 19.98 -17.38 -44.35
CA PHE A 149 18.56 -17.63 -44.55
C PHE A 149 17.88 -18.43 -43.43
N HIS A 150 18.24 -18.08 -42.19
CA HIS A 150 17.69 -18.70 -40.99
C HIS A 150 17.24 -17.60 -40.02
N ARG A 151 16.42 -17.96 -39.05
CA ARG A 151 15.99 -17.01 -38.04
C ARG A 151 16.27 -17.66 -36.69
N ALA A 152 16.67 -16.84 -35.73
CA ALA A 152 16.93 -17.33 -34.38
C ALA A 152 15.91 -16.73 -33.45
N THR A 153 15.22 -17.58 -32.70
CA THR A 153 14.22 -17.10 -31.77
C THR A 153 14.69 -17.39 -30.36
N GLY A 154 15.04 -16.33 -29.64
CA GLY A 154 15.49 -16.49 -28.27
C GLY A 154 14.37 -16.24 -27.27
N VAL A 155 14.10 -17.23 -26.43
CA VAL A 155 13.04 -17.16 -25.42
C VAL A 155 13.70 -17.15 -24.05
N TYR A 156 13.39 -16.11 -23.27
CA TYR A 156 13.92 -15.91 -21.92
C TYR A 156 12.89 -16.45 -20.94
N THR A 157 13.28 -17.49 -20.19
CA THR A 157 12.40 -18.15 -19.24
C THR A 157 12.84 -18.04 -17.79
N LEU A 158 11.89 -17.81 -16.90
CA LEU A 158 12.17 -17.73 -15.48
C LEU A 158 11.55 -18.92 -14.78
N GLU A 159 12.34 -19.61 -13.98
CA GLU A 159 11.84 -20.73 -13.21
C GLU A 159 11.42 -20.12 -11.87
N GLN A 160 10.12 -20.10 -11.62
CA GLN A 160 9.58 -19.53 -10.39
C GLN A 160 9.12 -20.58 -9.40
N GLY A 161 9.67 -20.51 -8.19
CA GLY A 161 9.30 -21.45 -7.14
C GLY A 161 8.17 -20.88 -6.30
N ALA A 162 7.49 -21.74 -5.56
CA ALA A 162 6.39 -21.33 -4.71
C ALA A 162 6.51 -22.14 -3.43
N PHE A 163 6.02 -21.61 -2.32
CA PHE A 163 6.12 -22.34 -1.07
C PHE A 163 5.06 -21.88 -0.06
N GLU A 164 4.86 -22.72 0.95
CA GLU A 164 3.94 -22.43 2.03
C GLU A 164 4.57 -23.15 3.20
N LYS A 165 5.04 -22.40 4.18
CA LYS A 165 5.70 -23.01 5.33
C LYS A 165 5.28 -22.46 6.69
N MET A 166 5.44 -23.31 7.69
CA MET A 166 5.14 -22.94 9.06
C MET A 166 6.40 -22.22 9.55
N THR A 167 6.23 -21.25 10.43
CA THR A 167 7.40 -20.54 10.95
C THR A 167 7.41 -20.62 12.47
N VAL A 168 8.60 -20.56 13.04
CA VAL A 168 8.76 -20.56 14.48
C VAL A 168 9.15 -19.11 14.76
N LEU A 169 8.34 -18.41 15.54
CA LEU A 169 8.62 -17.01 15.82
C LEU A 169 9.28 -16.88 17.18
N GLU A 170 10.34 -16.09 17.24
CA GLU A 170 11.09 -15.91 18.48
C GLU A 170 11.42 -14.46 18.76
N CYS A 171 11.62 -14.13 20.03
CA CYS A 171 12.00 -12.79 20.45
C CYS A 171 12.32 -12.80 21.93
N VAL A 172 12.96 -11.74 22.39
CA VAL A 172 13.30 -11.60 23.79
C VAL A 172 12.35 -10.59 24.41
N VAL A 173 11.82 -10.93 25.58
CA VAL A 173 10.91 -10.04 26.28
C VAL A 173 11.56 -9.65 27.61
N SER A 174 11.58 -8.35 27.88
CA SER A 174 12.19 -7.85 29.11
C SER A 174 11.64 -6.46 29.45
N GLY A 175 12.16 -5.88 30.53
CA GLY A 175 11.69 -4.56 30.94
C GLY A 175 10.89 -4.60 32.22
N ASN A 176 10.40 -3.45 32.65
CA ASN A 176 9.65 -3.33 33.90
C ASN A 176 8.25 -2.79 33.72
N GLY A 177 7.39 -3.18 34.65
CA GLY A 177 6.03 -2.71 34.67
C GLY A 177 5.87 -1.94 35.98
N ILE A 178 4.81 -1.14 36.08
CA ILE A 178 4.57 -0.38 37.30
C ILE A 178 3.16 -0.74 37.76
N ILE A 179 3.02 -1.09 39.02
CA ILE A 179 1.72 -1.42 39.57
C ILE A 179 1.40 -0.56 40.78
N ARG A 180 0.22 0.03 40.78
CA ARG A 180 -0.23 0.89 41.87
C ARG A 180 -1.28 0.19 42.73
N TYR A 181 -1.02 0.13 44.03
CA TYR A 181 -1.93 -0.48 44.98
C TYR A 181 -2.19 0.51 46.11
N TYR A 182 -3.24 0.28 46.87
CA TYR A 182 -3.50 1.14 48.01
C TYR A 182 -4.26 0.43 49.11
N ARG A 183 -4.04 0.90 50.32
CA ARG A 183 -4.71 0.40 51.51
C ARG A 183 -5.62 1.51 51.98
N THR A 184 -6.90 1.22 52.04
CA THR A 184 -7.89 2.19 52.50
C THR A 184 -7.73 2.32 54.01
N LEU A 185 -7.72 3.56 54.49
CA LEU A 185 -7.57 3.83 55.92
C LEU A 185 -8.78 4.61 56.46
N PRO A 186 -8.84 4.81 57.79
CA PRO A 186 -9.97 5.54 58.37
C PRO A 186 -10.09 7.01 57.96
N ASP A 187 -11.30 7.54 58.10
CA ASP A 187 -11.59 8.93 57.77
C ASP A 187 -11.17 9.36 56.38
N ASN A 188 -11.65 8.62 55.38
CA ASN A 188 -11.38 8.90 53.97
C ASN A 188 -9.91 9.05 53.63
N SER A 189 -9.07 8.18 54.17
CA SER A 189 -7.66 8.27 53.87
C SER A 189 -7.19 6.95 53.28
N TYR A 190 -5.93 6.92 52.86
CA TYR A 190 -5.35 5.73 52.26
C TYR A 190 -3.86 5.89 52.16
N THR A 191 -3.18 4.79 51.89
CA THR A 191 -1.75 4.79 51.70
C THR A 191 -1.58 4.01 50.41
N GLU A 192 -0.75 4.53 49.51
CA GLU A 192 -0.51 3.90 48.23
C GLU A 192 0.83 3.16 48.20
N ILE A 193 0.82 1.98 47.59
CA ILE A 193 2.02 1.17 47.45
C ILE A 193 2.37 1.06 45.97
N VAL A 194 3.46 1.70 45.56
CA VAL A 194 3.88 1.63 44.16
C VAL A 194 4.97 0.59 44.03
N GLN A 195 4.74 -0.38 43.16
CA GLN A 195 5.70 -1.45 42.95
C GLN A 195 6.21 -1.49 41.50
N ARG A 196 7.52 -1.65 41.33
CA ARG A 196 8.09 -1.79 39.99
C ARG A 196 8.42 -3.27 39.87
N VAL A 197 7.82 -3.94 38.90
CA VAL A 197 8.06 -5.37 38.72
C VAL A 197 8.77 -5.69 37.42
N ASN A 198 9.56 -6.77 37.46
CA ASN A 198 10.28 -7.20 36.28
C ASN A 198 9.27 -8.04 35.51
N ILE A 199 9.17 -7.81 34.20
CA ILE A 199 8.21 -8.58 33.39
C ILE A 199 8.47 -10.08 33.45
N ILE A 200 9.71 -10.49 33.72
CA ILE A 200 9.99 -11.94 33.79
C ILE A 200 9.34 -12.56 35.01
N ASP A 201 9.20 -11.79 36.09
CA ASP A 201 8.58 -12.31 37.30
C ASP A 201 7.08 -12.41 37.11
N VAL A 202 6.53 -11.52 36.29
CA VAL A 202 5.10 -11.51 35.99
C VAL A 202 4.74 -12.78 35.20
N LEU A 203 5.52 -13.05 34.16
CA LEU A 203 5.32 -14.20 33.29
C LEU A 203 5.50 -15.49 34.06
N GLN A 204 6.51 -15.52 34.92
CA GLN A 204 6.76 -16.71 35.70
C GLN A 204 5.62 -16.96 36.68
N ALA A 205 5.20 -15.89 37.35
CA ALA A 205 4.12 -15.99 38.33
C ALA A 205 2.81 -16.38 37.66
N ASN A 206 2.54 -15.79 36.49
CA ASN A 206 1.30 -16.09 35.77
C ASN A 206 1.31 -17.43 35.06
N GLY A 207 2.50 -17.99 34.84
CA GLY A 207 2.60 -19.26 34.15
C GLY A 207 2.26 -19.05 32.69
N THR A 208 2.39 -17.81 32.22
CA THR A 208 2.09 -17.44 30.84
C THR A 208 2.74 -18.41 29.85
N PRO A 209 1.94 -19.02 28.97
CA PRO A 209 2.42 -19.97 27.96
C PRO A 209 3.33 -19.36 26.91
N GLY A 210 4.28 -20.15 26.41
CA GLY A 210 5.19 -19.69 25.38
C GLY A 210 6.50 -19.05 25.81
N PHE A 211 6.80 -19.09 27.10
CA PHE A 211 8.03 -18.47 27.59
C PHE A 211 8.94 -19.35 28.43
N THR A 212 10.23 -19.11 28.32
CA THR A 212 11.21 -19.79 29.15
C THR A 212 11.89 -18.59 29.80
N ILE A 213 12.05 -18.64 31.10
CA ILE A 213 12.63 -17.52 31.86
C ILE A 213 14.09 -17.68 32.24
N SER A 214 14.84 -16.59 32.17
CA SER A 214 16.24 -16.63 32.55
C SER A 214 16.58 -15.50 33.54
N LYS A 215 16.57 -15.81 34.83
CA LYS A 215 16.90 -14.79 35.83
C LYS A 215 18.31 -14.32 35.51
N GLU A 216 19.18 -15.27 35.19
CA GLU A 216 20.57 -14.98 34.85
C GLU A 216 20.68 -13.80 33.90
N GLN A 217 20.03 -13.91 32.73
CA GLN A 217 20.08 -12.86 31.72
C GLN A 217 18.98 -11.82 31.88
N ASN A 218 18.18 -11.97 32.94
CA ASN A 218 17.10 -11.03 33.23
C ASN A 218 16.18 -10.83 32.02
N ARG A 219 15.75 -11.93 31.43
CA ARG A 219 14.90 -11.86 30.26
C ARG A 219 14.08 -13.11 30.11
N ALA A 220 13.07 -13.03 29.25
CA ALA A 220 12.21 -14.17 28.98
C ALA A 220 12.31 -14.40 27.48
N TYR A 221 12.42 -15.67 27.08
CA TYR A 221 12.50 -15.97 25.66
C TYR A 221 11.14 -16.47 25.20
N PHE A 222 10.58 -15.80 24.20
CA PHE A 222 9.27 -16.20 23.69
C PHE A 222 9.39 -17.07 22.45
N THR A 223 8.57 -18.10 22.37
CA THR A 223 8.57 -18.95 21.19
C THR A 223 7.13 -19.07 20.69
N GLY A 224 6.90 -18.54 19.50
CA GLY A 224 5.58 -18.57 18.91
C GLY A 224 5.56 -19.28 17.57
N GLU A 225 4.49 -19.06 16.83
CA GLU A 225 4.32 -19.73 15.54
C GLU A 225 3.54 -18.91 14.53
N GLY A 226 3.86 -19.13 13.26
CA GLY A 226 3.16 -18.44 12.19
C GLY A 226 3.25 -19.25 10.90
N THR A 227 3.03 -18.57 9.77
CA THR A 227 3.11 -19.23 8.47
C THR A 227 3.55 -18.19 7.46
N ILE A 228 4.11 -18.64 6.34
CA ILE A 228 4.51 -17.74 5.27
C ILE A 228 4.25 -18.48 3.97
N SER A 229 3.99 -17.73 2.91
CA SER A 229 3.74 -18.34 1.62
C SER A 229 4.20 -17.32 0.58
N GLY A 230 4.60 -17.80 -0.58
CA GLY A 230 5.04 -16.87 -1.61
C GLY A 230 5.69 -17.52 -2.79
N GLN A 231 6.27 -16.69 -3.64
CA GLN A 231 6.95 -17.17 -4.85
C GLN A 231 8.27 -16.45 -5.00
N ILE A 232 9.19 -17.06 -5.73
CA ILE A 232 10.49 -16.45 -5.97
C ILE A 232 11.13 -16.98 -7.24
N GLY A 233 11.83 -16.12 -7.96
CA GLY A 233 12.53 -16.53 -9.17
C GLY A 233 13.75 -17.29 -8.71
N LEU A 234 13.94 -18.50 -9.24
CA LEU A 234 15.06 -19.36 -8.87
C LEU A 234 16.25 -19.30 -9.82
N GLN A 235 15.96 -19.33 -11.12
CA GLN A 235 17.00 -19.27 -12.14
C GLN A 235 16.35 -18.93 -13.48
N THR A 236 17.18 -18.60 -14.47
CA THR A 236 16.66 -18.26 -15.78
C THR A 236 17.30 -19.11 -16.86
N PHE A 237 16.61 -19.21 -18.00
CA PHE A 237 17.12 -19.97 -19.12
C PHE A 237 16.87 -19.19 -20.41
N ILE A 238 17.81 -19.29 -21.33
CA ILE A 238 17.62 -18.65 -22.63
C ILE A 238 17.69 -19.82 -23.61
N ASP A 239 16.61 -20.05 -24.33
CA ASP A 239 16.58 -21.12 -25.32
C ASP A 239 16.42 -20.50 -26.70
N VAL A 240 17.28 -20.93 -27.62
CA VAL A 240 17.26 -20.40 -28.96
C VAL A 240 16.90 -21.47 -30.00
N VAL A 241 15.83 -21.24 -30.73
CA VAL A 241 15.42 -22.15 -31.78
C VAL A 241 15.86 -21.50 -33.08
N ILE A 242 16.73 -22.20 -33.81
CA ILE A 242 17.24 -21.71 -35.08
C ILE A 242 16.57 -22.50 -36.20
N GLU A 243 16.00 -21.81 -37.17
CA GLU A 243 15.32 -22.51 -38.26
C GLU A 243 15.45 -21.78 -39.59
N PRO A 244 15.38 -22.53 -40.69
CA PRO A 244 15.49 -21.94 -42.04
C PRO A 244 14.25 -21.15 -42.42
N LEU A 245 14.46 -20.12 -43.23
CA LEU A 245 13.37 -19.30 -43.70
C LEU A 245 12.72 -20.01 -44.88
N PRO A 246 11.39 -19.87 -45.05
CA PRO A 246 10.67 -20.50 -46.15
C PRO A 246 11.46 -20.51 -47.46
N GLY A 247 11.63 -21.70 -48.04
CA GLY A 247 12.37 -21.82 -49.29
C GLY A 247 13.83 -22.12 -49.06
N HIS A 248 14.16 -22.64 -47.88
CA HIS A 248 15.52 -22.98 -47.52
C HIS A 248 15.53 -24.21 -46.61
N ALA A 249 16.72 -24.74 -46.35
CA ALA A 249 16.86 -25.92 -45.48
C ALA A 249 18.12 -25.85 -44.63
N ALA B 1 -13.88 24.46 2.67
CA ALA B 1 -14.27 23.63 3.83
C ALA B 1 -15.35 22.64 3.41
N ILE B 2 -15.77 21.79 4.33
CA ILE B 2 -16.81 20.82 4.06
C ILE B 2 -18.14 21.35 4.59
N ILE B 3 -19.11 21.55 3.70
CA ILE B 3 -20.42 22.03 4.13
C ILE B 3 -21.19 20.87 4.75
N ASN B 4 -21.55 21.01 6.02
CA ASN B 4 -22.30 19.98 6.75
C ASN B 4 -23.78 20.26 6.55
N LEU B 5 -24.46 19.39 5.82
CA LEU B 5 -25.87 19.56 5.54
C LEU B 5 -26.79 19.60 6.76
N LEU B 6 -26.42 18.87 7.81
CA LEU B 6 -27.21 18.85 9.04
C LEU B 6 -27.02 20.18 9.77
N ARG B 7 -25.83 20.77 9.63
CA ARG B 7 -25.56 22.06 10.26
C ARG B 7 -26.35 23.10 9.49
N GLU B 8 -26.54 22.88 8.20
CA GLU B 8 -27.33 23.81 7.40
C GLU B 8 -28.79 23.72 7.85
N LEU B 9 -29.26 22.49 8.07
CA LEU B 9 -30.63 22.24 8.52
C LEU B 9 -30.84 23.02 9.81
N GLU B 10 -29.89 22.90 10.72
CA GLU B 10 -29.92 23.58 12.01
C GLU B 10 -29.92 25.11 11.86
N ILE B 11 -29.13 25.62 10.93
CA ILE B 11 -29.06 27.06 10.71
C ILE B 11 -30.45 27.52 10.26
N TYR B 12 -31.06 26.75 9.38
CA TYR B 12 -32.39 27.07 8.89
C TYR B 12 -33.41 27.10 10.04
N GLY B 13 -33.35 26.08 10.88
CA GLY B 13 -34.25 25.99 12.02
C GLY B 13 -34.09 27.12 13.02
N MET B 14 -32.85 27.52 13.29
CA MET B 14 -32.59 28.61 14.24
C MET B 14 -33.14 29.92 13.69
N GLN B 15 -33.01 30.09 12.37
CA GLN B 15 -33.48 31.28 11.69
C GLN B 15 -35.02 31.29 11.65
N TYR B 16 -35.61 30.14 11.32
CA TYR B 16 -37.06 30.02 11.25
C TYR B 16 -37.65 30.32 12.64
N ALA B 17 -37.01 29.77 13.67
CA ALA B 17 -37.46 29.97 15.04
C ALA B 17 -37.55 31.46 15.35
N ASN B 18 -36.39 32.11 15.40
CA ASN B 18 -36.31 33.54 15.70
C ASN B 18 -37.33 34.38 14.95
N SER B 19 -37.56 34.05 13.69
CA SER B 19 -38.51 34.80 12.85
C SER B 19 -39.98 34.44 13.09
N HIS B 20 -40.25 33.33 13.74
CA HIS B 20 -41.64 32.91 13.97
C HIS B 20 -41.96 32.88 15.46
N GLN B 21 -41.03 33.39 16.26
CA GLN B 21 -41.18 33.42 17.69
C GLN B 21 -41.27 32.04 18.33
N TYR B 22 -40.35 31.16 17.94
CA TYR B 22 -40.30 29.82 18.52
C TYR B 22 -38.90 29.68 19.10
N THR B 23 -38.71 28.62 19.87
CA THR B 23 -37.42 28.31 20.43
C THR B 23 -36.96 27.09 19.65
N TYR B 24 -35.80 27.17 19.03
CA TYR B 24 -35.27 26.05 18.27
C TYR B 24 -34.96 24.92 19.24
N GLY B 25 -35.47 23.73 18.96
CA GLY B 25 -35.20 22.60 19.82
C GLY B 25 -34.09 21.69 19.31
N SER B 26 -34.32 21.08 18.16
CA SER B 26 -33.35 20.17 17.57
C SER B 26 -33.78 19.90 16.13
N SER B 27 -32.95 19.16 15.39
CA SER B 27 -33.27 18.83 14.01
C SER B 27 -32.41 17.64 13.59
N TYR B 28 -32.87 16.91 12.58
CA TYR B 28 -32.16 15.75 12.10
C TYR B 28 -32.71 15.31 10.75
N SER B 29 -32.00 14.37 10.12
CA SER B 29 -32.40 13.84 8.83
C SER B 29 -33.65 12.98 9.01
N ASP B 30 -34.56 13.07 8.04
CA ASP B 30 -35.80 12.29 8.09
C ASP B 30 -35.53 10.90 7.56
N ASP B 31 -35.56 9.91 8.44
CA ASP B 31 -35.31 8.52 8.07
C ASP B 31 -36.18 7.99 6.94
N THR B 32 -37.34 8.59 6.71
CA THR B 32 -38.22 8.11 5.65
C THR B 32 -37.82 8.65 4.28
N ASN B 33 -36.96 9.66 4.29
CA ASN B 33 -36.45 10.29 3.06
C ASN B 33 -35.25 11.10 3.53
N PRO B 34 -34.17 10.41 3.91
CA PRO B 34 -32.90 10.93 4.41
C PRO B 34 -32.18 11.94 3.54
N ILE B 35 -31.55 12.91 4.20
CA ILE B 35 -30.77 13.90 3.50
C ILE B 35 -29.59 13.06 3.03
N ARG B 36 -29.33 13.03 1.73
CA ARG B 36 -28.24 12.21 1.24
C ARG B 36 -27.51 12.80 0.05
N ILE B 37 -26.37 12.21 -0.27
CA ILE B 37 -25.53 12.65 -1.39
C ILE B 37 -25.39 11.51 -2.39
N ALA B 38 -25.38 11.84 -3.68
CA ALA B 38 -25.24 10.82 -4.69
C ALA B 38 -24.67 11.40 -5.98
N GLY B 39 -24.40 10.53 -6.95
CA GLY B 39 -23.86 10.95 -8.23
C GLY B 39 -22.60 11.78 -8.14
N LEU B 40 -21.70 11.43 -7.22
CA LEU B 40 -20.48 12.19 -7.08
C LEU B 40 -19.46 11.91 -8.16
N ASP B 41 -18.85 12.97 -8.66
CA ASP B 41 -17.85 12.87 -9.71
C ASP B 41 -16.74 13.88 -9.47
N ALA B 42 -15.56 13.57 -9.96
CA ALA B 42 -14.40 14.45 -9.84
C ALA B 42 -13.78 14.51 -11.23
N ARG B 43 -13.57 15.72 -11.74
CA ARG B 43 -12.97 15.92 -13.04
C ARG B 43 -11.81 16.90 -12.92
N ILE B 44 -11.01 16.97 -13.97
CA ILE B 44 -9.88 17.88 -13.98
C ILE B 44 -10.10 18.83 -15.15
N PRO B 45 -10.51 20.07 -14.84
CA PRO B 45 -10.76 21.07 -15.90
C PRO B 45 -9.60 21.33 -16.84
N ASP B 46 -8.36 21.31 -16.34
CA ASP B 46 -7.22 21.54 -17.21
C ASP B 46 -6.26 20.36 -17.23
N PRO B 47 -6.60 19.31 -18.00
CA PRO B 47 -5.82 18.08 -18.15
C PRO B 47 -4.46 18.20 -18.82
N ILE B 48 -4.13 19.39 -19.33
CA ILE B 48 -2.85 19.59 -19.98
C ILE B 48 -1.77 19.95 -18.97
N VAL B 49 -0.80 19.06 -18.80
CA VAL B 49 0.28 19.29 -17.85
C VAL B 49 1.48 19.86 -18.59
N THR B 50 1.77 21.13 -18.35
CA THR B 50 2.88 21.81 -19.00
C THR B 50 4.17 21.67 -18.19
N ASP B 51 4.08 21.02 -17.04
CA ASP B 51 5.23 20.83 -16.18
C ASP B 51 6.24 19.87 -16.82
N PRO B 52 7.52 19.98 -16.44
CA PRO B 52 8.56 19.10 -16.99
C PRO B 52 8.40 17.65 -16.59
N VAL B 53 8.80 16.74 -17.48
CA VAL B 53 8.70 15.31 -17.21
C VAL B 53 10.07 14.77 -16.80
N ASN B 54 10.09 13.86 -15.83
CA ASN B 54 11.35 13.29 -15.36
C ASN B 54 11.77 12.10 -16.22
N HIS B 55 13.07 12.00 -16.47
CA HIS B 55 13.61 10.91 -17.26
C HIS B 55 14.38 10.02 -16.30
N ILE B 56 13.78 8.88 -15.97
CA ILE B 56 14.37 7.93 -15.03
C ILE B 56 15.07 6.76 -15.71
N VAL B 57 16.39 6.66 -15.50
CA VAL B 57 17.14 5.56 -16.08
C VAL B 57 16.78 4.34 -15.24
N LEU B 58 16.25 3.31 -15.88
CA LEU B 58 15.86 2.10 -15.17
C LEU B 58 16.94 1.04 -15.17
N ASP B 59 17.75 1.02 -16.20
CA ASP B 59 18.80 0.01 -16.29
C ASP B 59 19.65 0.27 -17.52
N ARG B 60 20.82 -0.35 -17.58
CA ARG B 60 21.68 -0.20 -18.74
C ARG B 60 22.40 -1.51 -18.95
N ARG B 61 22.52 -1.91 -20.20
CA ARG B 61 23.15 -3.18 -20.55
C ARG B 61 24.24 -2.99 -21.58
N ILE B 62 25.18 -3.92 -21.60
CA ILE B 62 26.29 -3.82 -22.53
C ILE B 62 26.47 -5.08 -23.35
N ILE B 63 26.66 -4.89 -24.66
CA ILE B 63 26.93 -5.99 -25.57
C ILE B 63 28.34 -5.64 -26.04
N THR B 64 29.27 -6.58 -25.88
CA THR B 64 30.65 -6.34 -26.28
C THR B 64 31.06 -7.21 -27.48
N ASN B 65 31.65 -6.59 -28.49
CA ASN B 65 32.10 -7.34 -29.65
C ASN B 65 33.61 -7.25 -29.70
N THR B 66 34.27 -8.31 -29.23
CA THR B 66 35.73 -8.40 -29.20
C THR B 66 36.18 -9.12 -30.45
N THR B 67 35.22 -9.45 -31.29
CA THR B 67 35.48 -10.16 -32.54
C THR B 67 35.94 -9.21 -33.62
N SER B 68 36.55 -9.76 -34.66
CA SER B 68 37.03 -8.95 -35.79
C SER B 68 35.88 -8.86 -36.78
N ASN B 69 34.74 -9.41 -36.39
CA ASN B 69 33.54 -9.39 -37.23
C ASN B 69 32.44 -8.61 -36.54
N SER B 70 31.50 -8.10 -37.33
CA SER B 70 30.38 -7.36 -36.75
C SER B 70 29.52 -8.34 -35.94
N LEU B 71 28.42 -7.84 -35.41
CA LEU B 71 27.54 -8.66 -34.59
C LEU B 71 26.15 -8.00 -34.46
N GLU B 72 25.10 -8.79 -34.63
CA GLU B 72 23.73 -8.25 -34.51
C GLU B 72 23.24 -8.44 -33.09
N GLY B 73 23.06 -7.34 -32.38
CA GLY B 73 22.60 -7.42 -31.02
C GLY B 73 21.19 -6.91 -30.80
N VAL B 74 20.49 -7.50 -29.83
CA VAL B 74 19.13 -7.10 -29.51
C VAL B 74 19.04 -6.89 -28.01
N PHE B 75 18.71 -5.67 -27.61
CA PHE B 75 18.54 -5.35 -26.19
C PHE B 75 17.04 -5.47 -25.96
N SER B 76 16.67 -6.12 -24.87
CA SER B 76 15.25 -6.27 -24.56
C SER B 76 15.10 -6.03 -23.07
N PHE B 77 14.17 -5.15 -22.71
CA PHE B 77 13.92 -4.80 -21.30
C PHE B 77 12.43 -4.85 -20.96
N SER B 78 12.14 -5.09 -19.69
CA SER B 78 10.76 -5.08 -19.22
C SER B 78 10.80 -4.81 -17.73
N ASN B 79 9.79 -4.10 -17.24
CA ASN B 79 9.71 -3.74 -15.84
C ASN B 79 8.29 -3.40 -15.46
N ALA B 80 8.05 -3.31 -14.15
CA ALA B 80 6.73 -2.95 -13.64
C ALA B 80 6.96 -1.64 -12.90
N TYR B 81 6.06 -0.69 -13.08
CA TYR B 81 6.21 0.60 -12.42
C TYR B 81 4.93 0.98 -11.68
N THR B 82 5.12 1.47 -10.46
CA THR B 82 4.01 1.87 -9.62
C THR B 82 3.80 3.38 -9.62
N SER B 83 2.71 3.80 -10.24
CA SER B 83 2.37 5.21 -10.28
C SER B 83 1.55 5.50 -9.03
N ARG B 84 1.51 6.76 -8.61
CA ARG B 84 0.75 7.12 -7.43
C ARG B 84 0.07 8.46 -7.59
N THR B 85 -1.14 8.55 -7.04
CA THR B 85 -1.92 9.78 -7.08
C THR B 85 -2.54 10.00 -5.71
N SER B 86 -2.59 11.25 -5.29
CA SER B 86 -3.17 11.63 -4.02
C SER B 86 -4.18 12.72 -4.27
N SER B 87 -5.31 12.67 -3.58
CA SER B 87 -6.35 13.67 -3.75
C SER B 87 -6.77 14.22 -2.40
N GLN B 88 -7.38 15.41 -2.42
CA GLN B 88 -7.83 16.02 -1.20
C GLN B 88 -8.86 17.08 -1.54
N THR B 89 -9.98 17.05 -0.83
CA THR B 89 -11.04 17.99 -1.07
C THR B 89 -10.74 19.32 -0.37
N ARG B 90 -11.08 20.43 -1.04
CA ARG B 90 -10.91 21.74 -0.45
C ARG B 90 -12.30 22.17 0.01
N ASP B 91 -13.22 22.26 -0.95
CA ASP B 91 -14.61 22.63 -0.66
C ASP B 91 -15.50 21.44 -1.00
N GLY B 92 -16.03 20.79 0.02
CA GLY B 92 -16.88 19.64 -0.21
C GLY B 92 -18.22 19.77 0.48
N VAL B 93 -18.89 18.63 0.67
CA VAL B 93 -20.20 18.61 1.31
C VAL B 93 -20.39 17.24 1.94
N THR B 94 -21.12 17.20 3.04
CA THR B 94 -21.38 15.94 3.71
C THR B 94 -22.77 15.89 4.33
N ALA B 95 -23.35 14.69 4.34
CA ALA B 95 -24.67 14.47 4.92
C ALA B 95 -24.49 13.64 6.20
N GLY B 96 -23.24 13.56 6.66
CA GLY B 96 -22.94 12.81 7.85
C GLY B 96 -22.20 11.51 7.58
N THR B 97 -22.25 11.05 6.33
CA THR B 97 -21.59 9.81 5.94
C THR B 97 -20.45 10.04 4.95
N ASN B 98 -19.27 9.55 5.28
CA ASN B 98 -18.13 9.70 4.37
C ASN B 98 -18.39 8.85 3.14
N ILE B 99 -18.10 9.40 1.97
CA ILE B 99 -18.30 8.68 0.73
C ILE B 99 -17.07 8.72 -0.18
N THR B 100 -16.39 7.58 -0.29
CA THR B 100 -15.20 7.47 -1.13
C THR B 100 -15.58 7.10 -2.55
N GLY B 101 -14.74 7.48 -3.51
CA GLY B 101 -15.00 7.17 -4.89
C GLY B 101 -13.72 7.01 -5.69
N LYS B 102 -13.75 6.13 -6.69
CA LYS B 102 -12.58 5.88 -7.53
C LYS B 102 -12.80 6.62 -8.84
N TYR B 103 -11.78 7.32 -9.31
CA TYR B 103 -11.91 8.07 -10.55
C TYR B 103 -10.70 7.88 -11.45
N PHE B 104 -10.90 8.20 -12.72
CA PHE B 104 -9.86 8.10 -13.73
C PHE B 104 -9.83 9.40 -14.49
N ALA B 105 -8.66 9.74 -15.03
CA ALA B 105 -8.52 10.97 -15.78
C ALA B 105 -7.35 10.84 -16.74
N ASN B 106 -7.47 11.46 -17.90
CA ASN B 106 -6.41 11.41 -18.88
C ASN B 106 -5.69 12.74 -18.88
N LEU B 107 -4.41 12.70 -18.56
CA LEU B 107 -3.60 13.91 -18.52
C LEU B 107 -2.65 13.88 -19.70
N PHE B 108 -2.50 15.01 -20.37
CA PHE B 108 -1.59 15.08 -21.49
C PHE B 108 -0.35 15.84 -21.05
N PHE B 109 0.78 15.15 -21.04
CA PHE B 109 2.04 15.76 -20.64
C PHE B 109 2.67 16.38 -21.87
N GLU B 110 2.29 17.62 -22.08
CA GLU B 110 2.71 18.44 -23.20
C GLU B 110 4.19 18.43 -23.57
N GLN B 111 5.07 18.35 -22.58
CA GLN B 111 6.51 18.37 -22.87
C GLN B 111 7.10 17.11 -23.49
N VAL B 112 6.31 16.04 -23.55
CA VAL B 112 6.81 14.79 -24.14
C VAL B 112 5.73 14.23 -25.04
N GLY B 113 4.65 14.99 -25.20
CA GLY B 113 3.56 14.56 -26.06
C GLY B 113 3.06 13.18 -25.74
N LEU B 114 3.02 12.85 -24.46
CA LEU B 114 2.55 11.56 -24.02
C LEU B 114 1.32 11.73 -23.12
N SER B 115 0.30 10.92 -23.37
CA SER B 115 -0.89 11.00 -22.56
C SER B 115 -0.75 9.95 -21.47
N GLY B 116 -1.29 10.26 -20.30
CA GLY B 116 -1.21 9.31 -19.19
C GLY B 116 -2.57 9.06 -18.59
N ARG B 117 -2.88 7.79 -18.35
CA ARG B 117 -4.15 7.42 -17.74
C ARG B 117 -3.91 7.41 -16.23
N ILE B 118 -4.60 8.29 -15.52
CA ILE B 118 -4.44 8.40 -14.07
C ILE B 118 -5.58 7.74 -13.31
N ALA B 119 -5.27 7.22 -12.14
CA ALA B 119 -6.26 6.58 -11.29
C ALA B 119 -6.16 7.16 -9.90
N PHE B 120 -7.27 7.71 -9.41
CA PHE B 120 -7.28 8.28 -8.08
C PHE B 120 -8.57 7.96 -7.33
N GLU B 121 -8.55 8.19 -6.03
CA GLU B 121 -9.69 7.94 -5.19
C GLU B 121 -9.79 9.12 -4.24
N GLY B 122 -11.01 9.56 -3.96
CA GLY B 122 -11.19 10.68 -3.06
C GLY B 122 -12.58 10.74 -2.44
N ALA B 123 -12.74 11.65 -1.48
CA ALA B 123 -14.02 11.83 -0.81
C ALA B 123 -14.35 13.31 -0.77
N VAL B 124 -15.57 13.65 -1.17
CA VAL B 124 -15.99 15.05 -1.15
C VAL B 124 -16.53 15.39 0.23
N THR B 125 -16.66 14.36 1.07
CA THR B 125 -17.19 14.50 2.42
C THR B 125 -16.20 14.85 3.53
N ASN B 126 -14.92 14.88 3.19
CA ASN B 126 -13.91 15.23 4.19
C ASN B 126 -12.66 15.81 3.53
N GLU B 127 -11.75 16.33 4.34
CA GLU B 127 -10.53 16.92 3.80
C GLU B 127 -9.31 16.03 4.00
N ASN B 128 -9.53 14.72 4.07
CA ASN B 128 -8.42 13.79 4.25
C ASN B 128 -7.72 13.55 2.91
N LYS B 129 -6.43 13.21 2.97
CA LYS B 129 -5.68 12.92 1.75
C LYS B 129 -5.92 11.47 1.39
N TYR B 130 -6.31 11.23 0.15
CA TYR B 130 -6.56 9.88 -0.34
C TYR B 130 -5.50 9.53 -1.38
N THR B 131 -4.60 8.61 -1.02
CA THR B 131 -3.53 8.19 -1.91
C THR B 131 -3.88 6.85 -2.56
N LEU B 132 -3.50 6.70 -3.83
CA LEU B 132 -3.78 5.47 -4.55
C LEU B 132 -2.65 5.07 -5.48
N ASP B 133 -2.20 3.81 -5.36
CA ASP B 133 -1.12 3.31 -6.20
C ASP B 133 -1.64 2.47 -7.35
N ALA B 134 -0.96 2.57 -8.49
CA ALA B 134 -1.32 1.81 -9.68
C ALA B 134 -0.04 1.27 -10.29
N THR B 135 -0.01 -0.04 -10.56
CA THR B 135 1.17 -0.66 -11.15
C THR B 135 0.88 -1.05 -12.60
N GLN B 136 1.86 -0.75 -13.46
CA GLN B 136 1.76 -0.99 -14.89
C GLN B 136 3.05 -1.68 -15.37
N ASP B 137 2.95 -2.46 -16.44
CA ASP B 137 4.13 -3.14 -17.00
C ASP B 137 4.57 -2.39 -18.25
N PHE B 138 5.88 -2.33 -18.48
CA PHE B 138 6.43 -1.65 -19.64
C PHE B 138 7.45 -2.58 -20.25
N ARG B 139 7.74 -2.39 -21.52
CA ARG B 139 8.69 -3.27 -22.21
C ARG B 139 9.16 -2.55 -23.46
N ASP B 140 10.38 -2.85 -23.90
CA ASP B 140 10.88 -2.28 -25.12
C ASP B 140 12.11 -3.09 -25.54
N SER B 141 12.50 -2.96 -26.80
CA SER B 141 13.67 -3.65 -27.30
C SER B 141 14.13 -2.83 -28.49
N GLN B 142 15.39 -3.02 -28.87
CA GLN B 142 15.97 -2.29 -29.98
C GLN B 142 17.10 -3.15 -30.54
N THR B 143 17.27 -3.11 -31.86
CA THR B 143 18.30 -3.88 -32.52
C THR B 143 19.46 -2.95 -32.84
N ILE B 144 20.67 -3.50 -32.89
CA ILE B 144 21.86 -2.71 -33.19
C ILE B 144 23.02 -3.57 -33.71
N ARG B 145 23.68 -3.09 -34.75
CA ARG B 145 24.83 -3.81 -35.29
C ARG B 145 26.03 -3.27 -34.51
N VAL B 146 26.74 -4.15 -33.80
CA VAL B 146 27.91 -3.75 -33.03
C VAL B 146 29.14 -4.05 -33.88
N PRO B 147 29.81 -3.01 -34.39
CA PRO B 147 30.99 -3.22 -35.23
C PRO B 147 32.08 -3.99 -34.52
N PRO B 148 33.00 -4.61 -35.27
CA PRO B 148 34.07 -5.36 -34.63
C PRO B 148 34.84 -4.47 -33.67
N PHE B 149 35.27 -5.03 -32.54
CA PHE B 149 36.03 -4.28 -31.56
C PHE B 149 35.29 -3.02 -31.14
N HIS B 150 34.07 -3.21 -30.63
CA HIS B 150 33.22 -2.12 -30.18
C HIS B 150 32.23 -2.68 -29.19
N ARG B 151 31.75 -1.83 -28.29
CA ARG B 151 30.75 -2.25 -27.33
C ARG B 151 29.52 -1.39 -27.58
N ALA B 152 28.37 -1.86 -27.13
CA ALA B 152 27.13 -1.12 -27.28
C ALA B 152 26.47 -1.11 -25.92
N THR B 153 26.11 0.08 -25.47
CA THR B 153 25.46 0.21 -24.19
C THR B 153 24.02 0.66 -24.43
N GLY B 154 23.08 -0.16 -23.97
CA GLY B 154 21.67 0.17 -24.13
C GLY B 154 21.13 0.68 -22.82
N VAL B 155 20.64 1.93 -22.84
CA VAL B 155 20.07 2.55 -21.65
C VAL B 155 18.54 2.56 -21.75
N TYR B 156 17.90 1.95 -20.76
CA TYR B 156 16.45 1.84 -20.70
C TYR B 156 15.92 2.93 -19.77
N THR B 157 15.11 3.82 -20.31
CA THR B 157 14.57 4.95 -19.55
C THR B 157 13.05 5.03 -19.51
N LEU B 158 12.52 5.46 -18.36
CA LEU B 158 11.09 5.64 -18.18
C LEU B 158 10.81 7.15 -18.15
N GLU B 159 9.79 7.58 -18.87
CA GLU B 159 9.39 8.98 -18.87
C GLU B 159 8.35 9.02 -17.77
N GLN B 160 8.61 9.83 -16.75
CA GLN B 160 7.74 9.96 -15.59
C GLN B 160 7.14 11.36 -15.47
N GLY B 161 5.82 11.44 -15.60
CA GLY B 161 5.16 12.72 -15.48
C GLY B 161 4.85 13.03 -14.02
N ALA B 162 4.84 14.31 -13.67
CA ALA B 162 4.53 14.73 -12.30
C ALA B 162 3.49 15.81 -12.46
N PHE B 163 2.55 15.87 -11.52
CA PHE B 163 1.48 16.86 -11.64
C PHE B 163 0.80 17.20 -10.34
N GLU B 164 0.17 18.36 -10.36
CA GLU B 164 -0.65 18.86 -9.26
C GLU B 164 -1.72 19.62 -10.01
N LYS B 165 -2.95 19.14 -9.90
CA LYS B 165 -4.05 19.76 -10.61
C LYS B 165 -5.26 19.98 -9.72
N MET B 166 -5.98 21.05 -10.00
CA MET B 166 -7.20 21.36 -9.26
C MET B 166 -8.26 20.45 -9.84
N THR B 167 -9.20 20.03 -8.99
CA THR B 167 -10.29 19.17 -9.44
C THR B 167 -11.61 19.88 -9.18
N VAL B 168 -12.64 19.48 -9.91
CA VAL B 168 -13.98 20.03 -9.71
C VAL B 168 -14.80 18.86 -9.18
N LEU B 169 -15.35 19.04 -7.98
CA LEU B 169 -16.15 18.00 -7.35
C LEU B 169 -17.63 18.31 -7.47
N GLU B 170 -18.40 17.32 -7.89
CA GLU B 170 -19.82 17.49 -8.07
C GLU B 170 -20.58 16.32 -7.47
N CYS B 171 -21.85 16.58 -7.13
CA CYS B 171 -22.74 15.57 -6.60
C CYS B 171 -24.10 16.23 -6.44
N VAL B 172 -25.11 15.41 -6.19
CA VAL B 172 -26.45 15.94 -6.01
C VAL B 172 -26.88 15.65 -4.59
N VAL B 173 -27.63 16.58 -4.01
CA VAL B 173 -28.13 16.45 -2.65
C VAL B 173 -29.64 16.49 -2.69
N SER B 174 -30.26 15.62 -1.92
CA SER B 174 -31.71 15.55 -1.85
C SER B 174 -32.09 14.99 -0.48
N GLY B 175 -33.38 14.84 -0.22
CA GLY B 175 -33.80 14.32 1.05
C GLY B 175 -34.51 15.38 1.88
N ASN B 176 -35.00 14.98 3.04
CA ASN B 176 -35.74 15.86 3.93
C ASN B 176 -35.26 15.83 5.36
N GLY B 177 -35.52 16.93 6.06
CA GLY B 177 -35.14 17.03 7.44
C GLY B 177 -36.35 17.27 8.31
N ILE B 178 -36.18 17.09 9.61
CA ILE B 178 -37.22 17.31 10.59
C ILE B 178 -36.65 18.30 11.58
N ILE B 179 -37.45 19.29 11.95
CA ILE B 179 -37.02 20.29 12.92
C ILE B 179 -38.04 20.36 14.03
N ARG B 180 -37.55 20.40 15.26
CA ARG B 180 -38.40 20.47 16.44
C ARG B 180 -38.26 21.83 17.09
N TYR B 181 -39.39 22.49 17.31
CA TYR B 181 -39.42 23.81 17.93
C TYR B 181 -40.31 23.73 19.16
N TYR B 182 -40.23 24.74 20.00
CA TYR B 182 -41.04 24.84 21.20
C TYR B 182 -41.66 26.24 21.19
N ARG B 183 -42.94 26.32 21.49
CA ARG B 183 -43.63 27.61 21.53
C ARG B 183 -44.06 27.83 22.98
N THR B 184 -43.71 28.99 23.53
CA THR B 184 -44.05 29.31 24.91
C THR B 184 -45.50 29.80 25.05
N LEU B 185 -46.21 29.26 26.04
CA LEU B 185 -47.60 29.65 26.28
C LEU B 185 -47.68 30.69 27.41
N PRO B 186 -48.84 31.35 27.58
CA PRO B 186 -49.02 32.37 28.62
C PRO B 186 -48.65 31.98 30.05
N ASP B 187 -48.78 30.71 30.40
CA ASP B 187 -48.43 30.29 31.75
C ASP B 187 -47.02 29.71 31.80
N ASN B 188 -46.26 29.99 30.74
CA ASN B 188 -44.89 29.53 30.58
C ASN B 188 -44.71 28.04 30.31
N SER B 189 -45.81 27.34 30.01
CA SER B 189 -45.70 25.92 29.67
C SER B 189 -45.34 25.96 28.18
N TYR B 190 -45.07 24.81 27.56
CA TYR B 190 -44.68 24.79 26.15
C TYR B 190 -45.48 23.85 25.26
N THR B 191 -45.52 24.18 23.98
CA THR B 191 -46.19 23.34 22.99
C THR B 191 -45.15 23.08 21.91
N GLU B 192 -44.94 21.80 21.59
CA GLU B 192 -43.95 21.42 20.59
C GLU B 192 -44.50 21.45 19.17
N ILE B 193 -43.72 22.00 18.26
CA ILE B 193 -44.11 22.10 16.87
C ILE B 193 -43.06 21.40 16.03
N VAL B 194 -43.51 20.48 15.18
CA VAL B 194 -42.59 19.74 14.34
C VAL B 194 -42.74 20.23 12.91
N GLN B 195 -41.62 20.36 12.22
CA GLN B 195 -41.65 20.81 10.85
C GLN B 195 -40.88 19.88 9.95
N ARG B 196 -41.40 19.66 8.75
CA ARG B 196 -40.74 18.82 7.76
C ARG B 196 -40.26 19.79 6.68
N VAL B 197 -39.01 19.67 6.27
CA VAL B 197 -38.48 20.55 5.24
C VAL B 197 -37.51 19.85 4.29
N ASN B 198 -37.65 20.15 3.01
CA ASN B 198 -36.82 19.61 1.94
C ASN B 198 -35.45 20.28 2.02
N ILE B 199 -34.38 19.52 1.86
CA ILE B 199 -33.05 20.09 1.93
C ILE B 199 -32.83 21.18 0.88
N ILE B 200 -33.50 21.06 -0.26
CA ILE B 200 -33.34 22.08 -1.30
C ILE B 200 -33.90 23.41 -0.84
N ASP B 201 -34.91 23.37 0.02
CA ASP B 201 -35.50 24.60 0.53
C ASP B 201 -34.57 25.17 1.61
N VAL B 202 -33.92 24.29 2.34
CA VAL B 202 -32.98 24.70 3.38
C VAL B 202 -31.83 25.45 2.71
N LEU B 203 -31.24 24.81 1.70
CA LEU B 203 -30.13 25.39 0.96
C LEU B 203 -30.55 26.69 0.29
N GLN B 204 -31.75 26.70 -0.26
CA GLN B 204 -32.29 27.88 -0.93
C GLN B 204 -32.41 29.04 0.05
N ALA B 205 -33.03 28.80 1.20
CA ALA B 205 -33.21 29.83 2.20
C ALA B 205 -31.90 30.28 2.83
N ASN B 206 -31.01 29.32 3.11
CA ASN B 206 -29.72 29.64 3.72
C ASN B 206 -28.80 30.37 2.73
N GLY B 207 -29.02 30.13 1.44
CA GLY B 207 -28.17 30.75 0.45
C GLY B 207 -26.81 30.07 0.54
N THR B 208 -26.83 28.79 0.89
CA THR B 208 -25.61 28.01 1.03
C THR B 208 -24.81 28.03 -0.27
N PRO B 209 -23.55 28.49 -0.20
CA PRO B 209 -22.69 28.57 -1.39
C PRO B 209 -22.33 27.20 -1.99
N GLY B 210 -22.14 27.18 -3.30
CA GLY B 210 -21.77 25.97 -4.00
C GLY B 210 -22.92 25.14 -4.55
N PHE B 211 -24.15 25.63 -4.44
CA PHE B 211 -25.30 24.88 -4.90
C PHE B 211 -26.19 25.59 -5.92
N THR B 212 -26.93 24.79 -6.67
CA THR B 212 -27.91 25.29 -7.62
C THR B 212 -29.08 24.35 -7.36
N ILE B 213 -30.28 24.91 -7.24
CA ILE B 213 -31.44 24.09 -6.96
C ILE B 213 -32.29 23.80 -8.18
N SER B 214 -32.74 22.56 -8.27
CA SER B 214 -33.58 22.13 -9.36
C SER B 214 -34.88 21.60 -8.77
N LYS B 215 -35.80 22.51 -8.46
CA LYS B 215 -37.08 22.10 -7.89
C LYS B 215 -37.71 21.06 -8.81
N GLU B 216 -37.55 21.26 -10.12
CA GLU B 216 -38.08 20.32 -11.11
C GLU B 216 -37.66 18.90 -10.78
N GLN B 217 -36.36 18.72 -10.49
CA GLN B 217 -35.82 17.41 -10.17
C GLN B 217 -35.86 17.14 -8.66
N ASN B 218 -36.30 18.14 -7.90
CA ASN B 218 -36.37 18.02 -6.45
C ASN B 218 -35.00 17.63 -5.88
N ARG B 219 -33.97 18.26 -6.42
CA ARG B 219 -32.60 17.99 -5.96
C ARG B 219 -31.77 19.25 -6.12
N ALA B 220 -30.62 19.26 -5.47
CA ALA B 220 -29.71 20.39 -5.55
C ALA B 220 -28.39 19.89 -6.11
N TYR B 221 -27.76 20.71 -6.94
CA TYR B 221 -26.48 20.34 -7.53
C TYR B 221 -25.31 21.04 -6.86
N PHE B 222 -24.41 20.25 -6.27
CA PHE B 222 -23.24 20.80 -5.60
C PHE B 222 -22.04 20.80 -6.51
N THR B 223 -21.31 21.90 -6.52
CA THR B 223 -20.11 22.00 -7.32
C THR B 223 -19.05 22.51 -6.34
N GLY B 224 -18.08 21.65 -6.07
CA GLY B 224 -17.01 21.99 -5.15
C GLY B 224 -15.63 21.91 -5.77
N GLU B 225 -14.61 21.98 -4.92
CA GLU B 225 -13.26 21.96 -5.44
C GLU B 225 -12.30 21.11 -4.65
N GLY B 226 -11.31 20.55 -5.35
CA GLY B 226 -10.32 19.72 -4.70
C GLY B 226 -8.99 19.80 -5.43
N THR B 227 -8.06 18.93 -5.06
CA THR B 227 -6.74 18.90 -5.68
C THR B 227 -6.28 17.46 -5.78
N ILE B 228 -5.42 17.20 -6.77
CA ILE B 228 -4.82 15.87 -6.93
C ILE B 228 -3.40 16.10 -7.38
N SER B 229 -2.51 15.19 -7.01
CA SER B 229 -1.12 15.30 -7.38
C SER B 229 -0.58 13.89 -7.41
N GLY B 230 0.56 13.70 -8.09
CA GLY B 230 1.14 12.38 -8.16
C GLY B 230 2.18 12.25 -9.26
N GLN B 231 2.66 11.03 -9.41
CA GLN B 231 3.67 10.69 -10.42
C GLN B 231 3.06 9.55 -11.23
N ILE B 232 3.24 9.60 -12.55
CA ILE B 232 2.68 8.57 -13.42
C ILE B 232 3.72 8.14 -14.46
N GLY B 233 3.96 6.84 -14.55
CA GLY B 233 4.91 6.34 -15.53
C GLY B 233 4.21 6.41 -16.87
N LEU B 234 4.79 7.12 -17.83
CA LEU B 234 4.17 7.28 -19.14
C LEU B 234 4.56 6.24 -20.17
N GLN B 235 5.86 6.03 -20.37
CA GLN B 235 6.34 5.07 -21.35
C GLN B 235 7.85 4.88 -21.18
N THR B 236 8.39 3.77 -21.68
CA THR B 236 9.83 3.53 -21.61
C THR B 236 10.44 3.63 -23.00
N PHE B 237 11.76 3.82 -23.05
CA PHE B 237 12.48 3.96 -24.31
C PHE B 237 13.88 3.42 -24.19
N ILE B 238 14.54 3.23 -25.33
CA ILE B 238 15.91 2.72 -25.31
C ILE B 238 16.81 3.56 -26.20
N ASP B 239 17.99 3.90 -25.67
CA ASP B 239 18.98 4.62 -26.46
C ASP B 239 20.24 3.75 -26.38
N VAL B 240 20.90 3.55 -27.52
CA VAL B 240 22.12 2.76 -27.51
C VAL B 240 23.29 3.62 -27.99
N VAL B 241 24.42 3.47 -27.32
CA VAL B 241 25.62 4.21 -27.68
C VAL B 241 26.73 3.20 -27.95
N ILE B 242 27.39 3.37 -29.09
CA ILE B 242 28.48 2.49 -29.50
C ILE B 242 29.82 3.18 -29.38
N GLU B 243 30.79 2.48 -28.77
CA GLU B 243 32.13 3.02 -28.58
C GLU B 243 33.20 1.99 -28.95
N PRO B 244 34.39 2.46 -29.34
CA PRO B 244 35.47 1.54 -29.72
C PRO B 244 35.93 0.88 -28.42
N LEU B 245 36.40 -0.35 -28.50
CA LEU B 245 36.83 -1.07 -27.30
C LEU B 245 38.07 -0.45 -26.64
N PRO B 246 38.04 -0.32 -25.30
CA PRO B 246 39.11 0.24 -24.46
C PRO B 246 40.51 -0.06 -24.95
N GLY B 247 41.17 0.95 -25.49
CA GLY B 247 42.51 0.78 -26.00
C GLY B 247 42.50 0.36 -27.46
N HIS B 248 41.58 -0.54 -27.81
CA HIS B 248 41.50 -0.99 -29.19
C HIS B 248 40.75 -0.01 -30.07
N ALA B 249 41.41 0.42 -31.14
CA ALA B 249 40.83 1.36 -32.10
C ALA B 249 40.00 2.46 -31.46
#